data_1WR8
#
_entry.id   1WR8
#
_cell.length_a   63.795
_cell.length_b   81.772
_cell.length_c   86.949
_cell.angle_alpha   90.00
_cell.angle_beta   90.00
_cell.angle_gamma   90.00
#
_symmetry.space_group_name_H-M   'P 21 21 21'
#
loop_
_entity.id
_entity.type
_entity.pdbx_description
1 polymer 'Phosphoglycolate phosphatase'
2 non-polymer 'ACETATE ION'
3 water water
#
_entity_poly.entity_id   1
_entity_poly.type   'polypeptide(L)'
_entity_poly.pdbx_seq_one_letter_code
;MKIKAISIDIDGTITYPNRMIHEKALEAIRRAESLGIPIMLVTGNTVQFAEAASILIGTSGPVVAEDGGAISYKKKRIFL
ASMDEEWILWNEIRKRFPNARTSYTMPDRRAGLVIMRETINVETVREIINELNLNLVAVDSGFAIHVKKPWINKGSGIEK
ASEFLGIKPKEVAHVGDGENDLDAFKVVGYKVAVAQAPKILKENADYVTKKEYGEGGAEAIYHILEKFGYL
;
_entity_poly.pdbx_strand_id   A,B
#
loop_
_chem_comp.id
_chem_comp.type
_chem_comp.name
_chem_comp.formula
ACT non-polymer 'ACETATE ION' 'C2 H3 O2 -1'
#
# COMPACT_ATOMS: atom_id res chain seq x y z
N LYS A 2 -0.72 -31.30 -6.51
CA LYS A 2 0.59 -30.76 -6.16
C LYS A 2 0.38 -29.25 -6.02
N ILE A 3 1.12 -28.63 -5.11
CA ILE A 3 0.99 -27.20 -4.87
C ILE A 3 1.69 -26.34 -5.91
N LYS A 4 0.95 -25.39 -6.48
CA LYS A 4 1.50 -24.49 -7.50
C LYS A 4 1.59 -23.04 -7.04
N ALA A 5 0.84 -22.71 -5.98
CA ALA A 5 0.84 -21.35 -5.45
C ALA A 5 0.62 -21.36 -3.95
N ILE A 6 1.01 -20.28 -3.28
CA ILE A 6 0.83 -20.17 -1.84
C ILE A 6 0.06 -18.90 -1.51
N SER A 7 -1.04 -19.05 -0.77
CA SER A 7 -1.82 -17.89 -0.34
C SER A 7 -1.39 -17.67 1.11
N ILE A 8 -1.28 -16.41 1.52
CA ILE A 8 -0.81 -16.12 2.87
C ILE A 8 -1.34 -14.79 3.35
N ASP A 9 -1.76 -14.74 4.60
CA ASP A 9 -2.27 -13.50 5.16
C ASP A 9 -1.12 -12.52 5.32
N ILE A 10 -1.45 -11.24 5.43
CA ILE A 10 -0.41 -10.25 5.61
C ILE A 10 -0.18 -10.07 7.11
N ASP A 11 -1.11 -9.44 7.80
CA ASP A 11 -0.95 -9.25 9.23
C ASP A 11 -0.88 -10.57 10.00
N GLY A 12 -0.01 -10.60 11.00
CA GLY A 12 0.16 -11.77 11.83
C GLY A 12 0.86 -12.97 11.20
N THR A 13 1.14 -12.88 9.90
CA THR A 13 1.75 -13.98 9.20
C THR A 13 3.07 -13.62 8.53
N ILE A 14 3.16 -12.42 7.96
CA ILE A 14 4.41 -12.00 7.34
C ILE A 14 4.90 -10.69 7.96
N THR A 15 4.28 -10.32 9.06
CA THR A 15 4.63 -9.09 9.76
C THR A 15 4.93 -9.32 11.23
N TYR A 16 5.36 -8.26 11.90
CA TYR A 16 5.59 -8.30 13.34
C TYR A 16 4.24 -7.93 13.90
N PRO A 17 4.05 -8.06 15.22
CA PRO A 17 2.76 -7.70 15.80
C PRO A 17 2.39 -6.24 15.51
N ASN A 18 3.39 -5.39 15.29
CA ASN A 18 3.14 -3.97 15.02
C ASN A 18 2.86 -3.63 13.55
N ARG A 19 2.64 -4.67 12.75
CA ARG A 19 2.31 -4.57 11.32
C ARG A 19 3.46 -4.30 10.35
N MET A 20 4.67 -4.13 10.86
CA MET A 20 5.81 -3.89 9.98
C MET A 20 6.18 -5.20 9.29
N ILE A 21 6.69 -5.09 8.06
CA ILE A 21 7.05 -6.30 7.32
C ILE A 21 8.23 -6.98 7.99
N HIS A 22 8.16 -8.31 8.08
CA HIS A 22 9.20 -9.11 8.71
C HIS A 22 10.23 -9.56 7.65
N GLU A 23 11.50 -9.20 7.84
CA GLU A 23 12.52 -9.56 6.86
C GLU A 23 12.61 -11.05 6.52
N LYS A 24 12.39 -11.93 7.49
CA LYS A 24 12.47 -13.35 7.18
C LYS A 24 11.32 -13.78 6.27
N ALA A 25 10.13 -13.26 6.52
CA ALA A 25 8.99 -13.61 5.68
C ALA A 25 9.21 -13.02 4.29
N LEU A 26 9.77 -11.81 4.25
CA LEU A 26 10.07 -11.12 3.00
C LEU A 26 11.01 -11.98 2.15
N GLU A 27 12.08 -12.48 2.77
CA GLU A 27 13.06 -13.32 2.06
C GLU A 27 12.42 -14.61 1.58
N ALA A 28 11.58 -15.22 2.42
CA ALA A 28 10.92 -16.46 2.05
C ALA A 28 9.97 -16.27 0.87
N ILE A 29 9.20 -15.18 0.91
CA ILE A 29 8.27 -14.89 -0.18
C ILE A 29 9.03 -14.70 -1.48
N ARG A 30 10.13 -13.95 -1.43
CA ARG A 30 10.90 -13.73 -2.64
C ARG A 30 11.55 -15.01 -3.15
N ARG A 31 11.92 -15.91 -2.24
CA ARG A 31 12.52 -17.18 -2.65
C ARG A 31 11.47 -18.02 -3.36
N ALA A 32 10.27 -18.08 -2.78
CA ALA A 32 9.19 -18.85 -3.39
C ALA A 32 8.94 -18.31 -4.80
N GLU A 33 8.85 -17.00 -4.93
CA GLU A 33 8.62 -16.39 -6.24
C GLU A 33 9.74 -16.73 -7.22
N SER A 34 10.98 -16.68 -6.75
CA SER A 34 12.13 -16.99 -7.61
C SER A 34 12.08 -18.44 -8.09
N LEU A 35 11.57 -19.32 -7.23
CA LEU A 35 11.46 -20.73 -7.58
C LEU A 35 10.28 -21.01 -8.49
N GLY A 36 9.50 -19.99 -8.81
CA GLY A 36 8.37 -20.17 -9.70
C GLY A 36 7.02 -20.43 -9.06
N ILE A 37 6.92 -20.18 -7.75
CA ILE A 37 5.67 -20.38 -7.03
C ILE A 37 5.06 -19.02 -6.67
N PRO A 38 3.97 -18.62 -7.35
CA PRO A 38 3.32 -17.33 -7.08
C PRO A 38 2.78 -17.25 -5.66
N ILE A 39 2.90 -16.08 -5.06
CA ILE A 39 2.39 -15.85 -3.71
C ILE A 39 1.14 -14.97 -3.84
N MET A 40 0.05 -15.40 -3.20
CA MET A 40 -1.20 -14.65 -3.21
C MET A 40 -1.43 -14.06 -1.82
N LEU A 41 -1.29 -12.74 -1.69
CA LEU A 41 -1.49 -12.10 -0.40
C LEU A 41 -2.99 -12.04 -0.09
N VAL A 42 -3.33 -12.31 1.17
CA VAL A 42 -4.73 -12.32 1.62
C VAL A 42 -4.87 -11.38 2.80
N THR A 43 -5.91 -10.55 2.79
CA THR A 43 -6.05 -9.59 3.87
C THR A 43 -7.46 -9.02 4.04
N GLY A 44 -7.72 -8.50 5.24
CA GLY A 44 -8.99 -7.86 5.50
C GLY A 44 -8.83 -6.39 5.19
N ASN A 45 -7.60 -5.97 4.91
CA ASN A 45 -7.33 -4.58 4.57
C ASN A 45 -7.86 -4.25 3.19
N THR A 46 -7.65 -3.01 2.76
CA THR A 46 -8.13 -2.56 1.46
C THR A 46 -7.40 -3.21 0.29
N VAL A 47 -8.02 -3.18 -0.88
CA VAL A 47 -7.39 -3.75 -2.07
C VAL A 47 -6.18 -2.90 -2.42
N GLN A 48 -6.23 -1.60 -2.10
CA GLN A 48 -5.11 -0.71 -2.38
C GLN A 48 -3.92 -1.08 -1.51
N PHE A 49 -4.19 -1.42 -0.26
CA PHE A 49 -3.13 -1.81 0.66
C PHE A 49 -2.52 -3.12 0.16
N ALA A 50 -3.37 -4.05 -0.24
CA ALA A 50 -2.89 -5.34 -0.73
C ALA A 50 -2.02 -5.17 -1.97
N GLU A 51 -2.47 -4.32 -2.89
CA GLU A 51 -1.71 -4.07 -4.12
C GLU A 51 -0.35 -3.47 -3.79
N ALA A 52 -0.34 -2.54 -2.83
CA ALA A 52 0.90 -1.89 -2.43
C ALA A 52 1.83 -2.92 -1.83
N ALA A 53 1.27 -3.80 -0.99
CA ALA A 53 2.05 -4.85 -0.36
C ALA A 53 2.64 -5.77 -1.43
N SER A 54 1.86 -6.11 -2.45
CA SER A 54 2.36 -6.98 -3.52
C SER A 54 3.54 -6.35 -4.26
N ILE A 55 3.46 -5.04 -4.50
CA ILE A 55 4.52 -4.33 -5.21
C ILE A 55 5.79 -4.21 -4.37
N LEU A 56 5.59 -3.81 -3.11
CA LEU A 56 6.70 -3.62 -2.20
C LEU A 56 7.37 -4.93 -1.77
N ILE A 57 6.56 -5.94 -1.51
CA ILE A 57 7.11 -7.24 -1.09
C ILE A 57 7.68 -7.99 -2.28
N GLY A 58 6.97 -7.93 -3.41
CA GLY A 58 7.41 -8.62 -4.62
C GLY A 58 6.64 -9.90 -4.91
N THR A 59 5.32 -9.86 -4.82
CA THR A 59 4.50 -11.03 -5.12
C THR A 59 3.90 -10.89 -6.50
N SER A 60 3.68 -12.00 -7.19
CA SER A 60 3.12 -11.98 -8.54
C SER A 60 1.71 -12.56 -8.66
N GLY A 61 1.21 -13.18 -7.60
CA GLY A 61 -0.12 -13.74 -7.69
C GLY A 61 -1.17 -12.70 -7.38
N PRO A 62 -2.45 -13.00 -7.65
CA PRO A 62 -3.52 -12.05 -7.37
C PRO A 62 -3.55 -11.77 -5.87
N VAL A 63 -4.10 -10.64 -5.47
CA VAL A 63 -4.24 -10.34 -4.05
C VAL A 63 -5.71 -10.45 -3.72
N VAL A 64 -6.00 -10.97 -2.53
CA VAL A 64 -7.38 -11.12 -2.04
C VAL A 64 -7.51 -10.15 -0.87
N ALA A 65 -8.35 -9.13 -1.03
CA ALA A 65 -8.54 -8.11 -0.01
C ALA A 65 -10.00 -8.00 0.47
N GLU A 66 -10.22 -7.08 1.39
CA GLU A 66 -11.55 -6.88 1.98
C GLU A 66 -12.13 -8.23 2.38
N ASP A 67 -11.28 -9.07 2.97
CA ASP A 67 -11.63 -10.40 3.43
C ASP A 67 -12.31 -11.29 2.39
N GLY A 68 -11.88 -11.15 1.14
CA GLY A 68 -12.46 -11.94 0.06
C GLY A 68 -13.41 -11.16 -0.82
N GLY A 69 -13.69 -9.92 -0.46
CA GLY A 69 -14.60 -9.11 -1.25
C GLY A 69 -13.96 -8.33 -2.39
N ALA A 70 -12.64 -8.31 -2.44
CA ALA A 70 -11.94 -7.60 -3.50
C ALA A 70 -10.74 -8.40 -3.96
N ILE A 71 -10.56 -8.50 -5.27
CA ILE A 71 -9.43 -9.22 -5.84
C ILE A 71 -8.76 -8.33 -6.88
N SER A 72 -7.42 -8.31 -6.89
CA SER A 72 -6.70 -7.51 -7.86
C SER A 72 -5.57 -8.32 -8.48
N TYR A 73 -5.43 -8.22 -9.79
CA TYR A 73 -4.40 -8.96 -10.48
C TYR A 73 -4.08 -8.26 -11.79
N LYS A 74 -2.80 -8.04 -12.06
CA LYS A 74 -2.38 -7.39 -13.28
C LYS A 74 -3.07 -6.05 -13.49
N LYS A 75 -3.19 -5.28 -12.41
CA LYS A 75 -3.82 -3.96 -12.45
C LYS A 75 -5.31 -3.97 -12.75
N LYS A 76 -5.94 -5.11 -12.53
CA LYS A 76 -7.38 -5.25 -12.76
C LYS A 76 -8.07 -5.58 -11.45
N ARG A 77 -8.91 -4.68 -10.96
CA ARG A 77 -9.63 -4.88 -9.71
C ARG A 77 -11.04 -5.43 -9.94
N ILE A 78 -11.39 -6.43 -9.14
CA ILE A 78 -12.71 -7.04 -9.21
C ILE A 78 -13.31 -7.05 -7.81
N PHE A 79 -14.49 -6.46 -7.67
CA PHE A 79 -15.17 -6.43 -6.38
C PHE A 79 -16.30 -7.44 -6.44
N LEU A 80 -16.38 -8.31 -5.45
CA LEU A 80 -17.40 -9.34 -5.42
C LEU A 80 -18.65 -8.95 -4.63
N ALA A 81 -18.73 -7.69 -4.24
CA ALA A 81 -19.89 -7.19 -3.51
C ALA A 81 -19.95 -5.67 -3.54
N SER A 82 -21.11 -5.13 -3.20
CA SER A 82 -21.30 -3.70 -3.14
C SER A 82 -21.98 -3.45 -1.80
N MET A 83 -21.90 -2.22 -1.31
CA MET A 83 -22.51 -1.92 -0.03
C MET A 83 -23.81 -1.13 -0.14
N ASP A 84 -24.79 -1.59 0.62
CA ASP A 84 -26.09 -0.96 0.66
C ASP A 84 -26.66 -1.07 2.06
N GLU A 85 -27.01 -2.30 2.46
CA GLU A 85 -27.55 -2.53 3.79
C GLU A 85 -26.54 -2.16 4.86
N GLU A 86 -25.26 -2.25 4.53
CA GLU A 86 -24.21 -1.91 5.48
C GLU A 86 -24.35 -0.46 5.93
N TRP A 87 -24.79 0.39 5.01
CA TRP A 87 -24.97 1.80 5.32
C TRP A 87 -26.24 2.04 6.12
N ILE A 88 -27.24 1.19 5.90
CA ILE A 88 -28.49 1.28 6.65
C ILE A 88 -28.13 0.95 8.10
N LEU A 89 -27.34 -0.10 8.27
CA LEU A 89 -26.90 -0.55 9.59
C LEU A 89 -26.12 0.57 10.27
N TRP A 90 -25.13 1.11 9.56
CA TRP A 90 -24.32 2.18 10.12
C TRP A 90 -25.16 3.38 10.53
N ASN A 91 -26.18 3.70 9.75
CA ASN A 91 -27.03 4.84 10.08
C ASN A 91 -27.72 4.62 11.42
N GLU A 92 -28.19 3.39 11.65
CA GLU A 92 -28.85 3.05 12.90
C GLU A 92 -27.83 3.05 14.03
N ILE A 93 -26.64 2.52 13.77
CA ILE A 93 -25.61 2.49 14.80
C ILE A 93 -25.24 3.89 15.28
N ARG A 94 -25.03 4.82 14.35
CA ARG A 94 -24.65 6.18 14.73
C ARG A 94 -25.73 6.87 15.57
N LYS A 95 -26.99 6.50 15.35
CA LYS A 95 -28.09 7.09 16.10
C LYS A 95 -28.06 6.60 17.54
N ARG A 96 -27.89 5.28 17.70
CA ARG A 96 -27.87 4.68 19.04
C ARG A 96 -26.55 4.81 19.79
N PHE A 97 -25.43 4.76 19.05
CA PHE A 97 -24.12 4.85 19.67
C PHE A 97 -23.29 5.92 18.97
N PRO A 98 -23.44 7.19 19.42
CA PRO A 98 -22.74 8.34 18.86
C PRO A 98 -21.22 8.29 18.89
N ASN A 99 -20.66 7.39 19.71
CA ASN A 99 -19.22 7.27 19.84
C ASN A 99 -18.61 6.23 18.91
N ALA A 100 -19.45 5.43 18.27
CA ALA A 100 -18.97 4.41 17.36
C ALA A 100 -18.36 5.08 16.13
N ARG A 101 -17.27 4.52 15.63
CA ARG A 101 -16.59 5.08 14.46
C ARG A 101 -16.24 4.00 13.44
N THR A 102 -16.11 4.41 12.19
CA THR A 102 -15.73 3.50 11.12
C THR A 102 -14.27 3.77 10.79
N SER A 103 -13.65 2.84 10.06
CA SER A 103 -12.25 2.99 9.67
C SER A 103 -12.03 4.14 8.70
N TYR A 104 -10.89 4.82 8.82
CA TYR A 104 -10.57 5.94 7.93
C TYR A 104 -10.39 5.46 6.51
N THR A 105 -10.28 4.15 6.32
CA THR A 105 -10.09 3.60 4.98
C THR A 105 -11.41 3.28 4.28
N MET A 106 -12.53 3.63 4.90
CA MET A 106 -13.81 3.33 4.26
C MET A 106 -13.94 3.90 2.85
N PRO A 107 -13.37 5.08 2.57
CA PRO A 107 -13.51 5.60 1.20
C PRO A 107 -12.89 4.69 0.14
N ASP A 108 -11.98 3.80 0.57
CA ASP A 108 -11.30 2.89 -0.34
C ASP A 108 -12.01 1.57 -0.57
N ARG A 109 -12.91 1.22 0.35
CA ARG A 109 -13.63 -0.05 0.33
C ARG A 109 -14.98 -0.07 -0.37
N ARG A 110 -15.33 -1.23 -0.92
CA ARG A 110 -16.59 -1.40 -1.61
C ARG A 110 -17.32 -2.68 -1.24
N ALA A 111 -16.67 -3.56 -0.49
CA ALA A 111 -17.30 -4.84 -0.15
C ALA A 111 -17.33 -5.18 1.32
N GLY A 112 -17.42 -4.18 2.17
CA GLY A 112 -17.47 -4.45 3.59
C GLY A 112 -17.29 -3.22 4.44
N LEU A 113 -18.15 -3.08 5.45
CA LEU A 113 -18.07 -1.94 6.35
C LEU A 113 -17.09 -2.32 7.45
N VAL A 114 -16.13 -1.45 7.71
CA VAL A 114 -15.16 -1.73 8.75
C VAL A 114 -15.37 -0.75 9.90
N ILE A 115 -15.75 -1.32 11.04
CA ILE A 115 -16.04 -0.55 12.25
C ILE A 115 -14.88 -0.68 13.24
N MET A 116 -14.55 0.41 13.90
CA MET A 116 -13.46 0.39 14.88
C MET A 116 -13.90 -0.35 16.14
N ARG A 117 -13.27 -1.49 16.41
CA ARG A 117 -13.59 -2.32 17.56
C ARG A 117 -13.30 -1.61 18.88
N GLU A 118 -12.45 -0.59 18.82
CA GLU A 118 -12.13 0.17 20.01
C GLU A 118 -13.34 0.99 20.46
N THR A 119 -14.29 1.21 19.55
CA THR A 119 -15.44 2.05 19.86
C THR A 119 -16.80 1.40 20.09
N ILE A 120 -16.93 0.12 19.75
CA ILE A 120 -18.20 -0.58 19.94
C ILE A 120 -17.95 -2.09 19.91
N ASN A 121 -18.73 -2.86 20.67
CA ASN A 121 -18.56 -4.32 20.73
C ASN A 121 -19.17 -5.01 19.51
N VAL A 122 -18.51 -6.07 19.02
CA VAL A 122 -19.04 -6.78 17.87
C VAL A 122 -20.42 -7.35 18.22
N GLU A 123 -20.62 -7.72 19.48
CA GLU A 123 -21.91 -8.27 19.92
C GLU A 123 -23.02 -7.24 19.69
N THR A 124 -22.71 -5.98 19.96
CA THR A 124 -23.68 -4.92 19.81
C THR A 124 -24.05 -4.75 18.34
N VAL A 125 -23.06 -4.84 17.47
CA VAL A 125 -23.30 -4.70 16.05
C VAL A 125 -24.22 -5.82 15.55
N ARG A 126 -23.97 -7.04 16.02
CA ARG A 126 -24.79 -8.19 15.64
C ARG A 126 -26.23 -8.00 16.12
N GLU A 127 -26.39 -7.45 17.31
CA GLU A 127 -27.71 -7.21 17.87
C GLU A 127 -28.52 -6.27 16.99
N ILE A 128 -27.87 -5.23 16.48
CA ILE A 128 -28.53 -4.26 15.62
C ILE A 128 -28.84 -4.87 14.25
N ILE A 129 -27.93 -5.70 13.75
CA ILE A 129 -28.15 -6.35 12.46
C ILE A 129 -29.41 -7.19 12.53
N ASN A 130 -29.56 -7.94 13.62
CA ASN A 130 -30.73 -8.80 13.81
C ASN A 130 -32.01 -7.99 13.96
N GLU A 131 -31.96 -6.92 14.75
CA GLU A 131 -33.12 -6.07 14.97
C GLU A 131 -33.66 -5.51 13.65
N LEU A 132 -32.75 -5.11 12.77
CA LEU A 132 -33.14 -4.54 11.49
C LEU A 132 -33.34 -5.61 10.42
N ASN A 133 -33.12 -6.86 10.80
CA ASN A 133 -33.26 -7.98 9.87
C ASN A 133 -32.48 -7.75 8.59
N LEU A 134 -31.21 -7.42 8.73
CA LEU A 134 -30.35 -7.20 7.58
C LEU A 134 -29.60 -8.48 7.27
N ASN A 135 -29.31 -8.71 6.00
CA ASN A 135 -28.58 -9.91 5.60
C ASN A 135 -27.10 -9.59 5.65
N LEU A 136 -26.58 -9.54 6.87
CA LEU A 136 -25.18 -9.22 7.11
C LEU A 136 -24.61 -10.01 8.29
N VAL A 137 -23.29 -10.15 8.31
CA VAL A 137 -22.61 -10.82 9.40
C VAL A 137 -21.52 -9.85 9.87
N ALA A 138 -21.17 -9.92 11.15
CA ALA A 138 -20.16 -9.06 11.71
C ALA A 138 -19.08 -9.94 12.33
N VAL A 139 -17.85 -9.79 11.83
CA VAL A 139 -16.72 -10.57 12.33
C VAL A 139 -15.66 -9.68 12.93
N ASP A 140 -15.15 -10.08 14.09
CA ASP A 140 -14.11 -9.33 14.79
C ASP A 140 -12.77 -10.03 14.52
N SER A 141 -11.91 -9.38 13.75
CA SER A 141 -10.60 -9.94 13.42
C SER A 141 -9.60 -9.77 14.55
N GLY A 142 -9.97 -8.93 15.51
CA GLY A 142 -9.07 -8.64 16.62
C GLY A 142 -8.43 -7.30 16.36
N PHE A 143 -8.51 -6.86 15.11
CA PHE A 143 -7.95 -5.59 14.69
C PHE A 143 -9.12 -4.64 14.38
N ALA A 144 -10.19 -5.19 13.80
CA ALA A 144 -11.34 -4.37 13.47
C ALA A 144 -12.57 -5.23 13.26
N ILE A 145 -13.74 -4.60 13.22
CA ILE A 145 -14.99 -5.33 12.99
C ILE A 145 -15.36 -5.18 11.52
N HIS A 146 -15.56 -6.31 10.86
CA HIS A 146 -15.94 -6.32 9.45
C HIS A 146 -17.39 -6.76 9.31
N VAL A 147 -18.20 -5.92 8.67
CA VAL A 147 -19.61 -6.22 8.44
C VAL A 147 -19.71 -6.45 6.93
N LYS A 148 -20.13 -7.64 6.55
CA LYS A 148 -20.19 -7.99 5.14
C LYS A 148 -21.32 -8.96 4.80
N LYS A 149 -21.48 -9.22 3.51
CA LYS A 149 -22.48 -10.16 3.04
C LYS A 149 -22.02 -11.52 3.55
N PRO A 150 -22.96 -12.38 3.95
CA PRO A 150 -22.68 -13.72 4.48
C PRO A 150 -21.87 -14.64 3.57
N TRP A 151 -21.89 -14.39 2.26
CA TRP A 151 -21.17 -15.24 1.31
C TRP A 151 -19.77 -14.77 0.95
N ILE A 152 -19.36 -13.63 1.51
CA ILE A 152 -18.03 -13.08 1.25
C ILE A 152 -17.03 -13.59 2.30
N ASN A 153 -15.98 -14.27 1.86
CA ASN A 153 -14.96 -14.78 2.76
C ASN A 153 -13.65 -15.05 2.05
N LYS A 154 -12.60 -15.30 2.82
CA LYS A 154 -11.28 -15.56 2.26
C LYS A 154 -11.26 -16.76 1.31
N GLY A 155 -12.04 -17.78 1.63
CA GLY A 155 -12.09 -18.97 0.78
C GLY A 155 -12.63 -18.68 -0.60
N SER A 156 -13.79 -18.02 -0.67
CA SER A 156 -14.40 -17.69 -1.95
C SER A 156 -13.51 -16.70 -2.70
N GLY A 157 -12.75 -15.90 -1.95
CA GLY A 157 -11.87 -14.93 -2.57
C GLY A 157 -10.70 -15.66 -3.22
N ILE A 158 -10.13 -16.62 -2.49
CA ILE A 158 -9.01 -17.41 -2.98
C ILE A 158 -9.41 -18.24 -4.19
N GLU A 159 -10.64 -18.76 -4.20
CA GLU A 159 -11.07 -19.56 -5.34
C GLU A 159 -11.10 -18.70 -6.59
N LYS A 160 -11.61 -17.47 -6.45
CA LYS A 160 -11.67 -16.55 -7.58
C LYS A 160 -10.27 -16.15 -8.01
N ALA A 161 -9.38 -15.93 -7.05
CA ALA A 161 -8.01 -15.55 -7.34
C ALA A 161 -7.33 -16.68 -8.12
N SER A 162 -7.62 -17.91 -7.71
CA SER A 162 -7.04 -19.08 -8.36
C SER A 162 -7.45 -19.11 -9.83
N GLU A 163 -8.71 -18.77 -10.09
CA GLU A 163 -9.22 -18.74 -11.45
C GLU A 163 -8.39 -17.79 -12.30
N PHE A 164 -8.14 -16.59 -11.78
CA PHE A 164 -7.35 -15.60 -12.52
C PHE A 164 -5.93 -16.08 -12.76
N LEU A 165 -5.39 -16.84 -11.81
CA LEU A 165 -4.03 -17.35 -11.92
C LEU A 165 -3.97 -18.55 -12.86
N GLY A 166 -5.13 -19.09 -13.19
CA GLY A 166 -5.18 -20.23 -14.08
C GLY A 166 -4.93 -21.56 -13.42
N ILE A 167 -5.13 -21.63 -12.10
CA ILE A 167 -4.92 -22.88 -11.38
C ILE A 167 -6.16 -23.23 -10.57
N LYS A 168 -6.16 -24.44 -10.01
CA LYS A 168 -7.26 -24.93 -9.19
C LYS A 168 -6.99 -24.57 -7.73
N PRO A 169 -8.06 -24.29 -6.97
CA PRO A 169 -7.90 -23.93 -5.55
C PRO A 169 -7.16 -25.00 -4.77
N LYS A 170 -7.36 -26.26 -5.16
CA LYS A 170 -6.71 -27.37 -4.48
C LYS A 170 -5.22 -27.47 -4.79
N GLU A 171 -4.73 -26.56 -5.62
CA GLU A 171 -3.31 -26.52 -5.96
C GLU A 171 -2.68 -25.36 -5.20
N VAL A 172 -3.43 -24.83 -4.24
CA VAL A 172 -2.95 -23.73 -3.41
C VAL A 172 -2.71 -24.20 -1.99
N ALA A 173 -1.68 -23.62 -1.35
CA ALA A 173 -1.37 -23.94 0.03
C ALA A 173 -1.61 -22.63 0.75
N HIS A 174 -2.40 -22.65 1.82
CA HIS A 174 -2.70 -21.43 2.56
C HIS A 174 -2.01 -21.38 3.91
N VAL A 175 -1.52 -20.19 4.27
CA VAL A 175 -0.86 -19.97 5.54
C VAL A 175 -1.67 -18.90 6.29
N GLY A 176 -2.27 -19.29 7.41
CA GLY A 176 -3.09 -18.35 8.16
C GLY A 176 -2.77 -18.23 9.64
N ASP A 177 -3.39 -17.26 10.30
CA ASP A 177 -3.13 -17.02 11.72
C ASP A 177 -4.39 -16.85 12.56
N GLY A 178 -5.55 -16.87 11.92
CA GLY A 178 -6.77 -16.66 12.68
C GLY A 178 -7.96 -17.55 12.38
N GLU A 179 -9.02 -17.34 13.16
CA GLU A 179 -10.26 -18.09 13.02
C GLU A 179 -10.81 -18.00 11.60
N ASN A 180 -10.80 -16.81 11.03
CA ASN A 180 -11.35 -16.60 9.70
C ASN A 180 -10.58 -17.31 8.59
N ASP A 181 -9.45 -17.93 8.93
CA ASP A 181 -8.67 -18.64 7.95
C ASP A 181 -9.22 -20.04 7.69
N LEU A 182 -10.21 -20.45 8.49
CA LEU A 182 -10.82 -21.76 8.30
C LEU A 182 -11.52 -21.78 6.95
N ASP A 183 -12.08 -20.63 6.56
CA ASP A 183 -12.76 -20.50 5.28
C ASP A 183 -11.77 -20.79 4.15
N ALA A 184 -10.54 -20.31 4.32
CA ALA A 184 -9.51 -20.52 3.31
C ALA A 184 -9.07 -21.98 3.32
N PHE A 185 -8.84 -22.52 4.52
CA PHE A 185 -8.43 -23.91 4.68
C PHE A 185 -9.38 -24.84 3.93
N LYS A 186 -10.67 -24.54 3.99
CA LYS A 186 -11.69 -25.36 3.34
C LYS A 186 -11.54 -25.49 1.82
N VAL A 187 -11.13 -24.41 1.16
CA VAL A 187 -11.01 -24.43 -0.30
C VAL A 187 -9.65 -24.79 -0.88
N VAL A 188 -8.59 -24.71 -0.08
CA VAL A 188 -7.25 -25.00 -0.59
C VAL A 188 -6.80 -26.45 -0.46
N GLY A 189 -5.65 -26.75 -1.05
CA GLY A 189 -5.11 -28.10 -1.03
C GLY A 189 -4.16 -28.44 0.11
N TYR A 190 -3.55 -27.44 0.72
CA TYR A 190 -2.64 -27.68 1.83
C TYR A 190 -2.87 -26.56 2.85
N LYS A 191 -2.85 -26.92 4.13
CA LYS A 191 -3.14 -25.96 5.20
C LYS A 191 -2.04 -25.76 6.24
N VAL A 192 -1.65 -24.52 6.46
CA VAL A 192 -0.63 -24.21 7.46
C VAL A 192 -1.10 -23.11 8.39
N ALA A 193 -0.82 -23.29 9.69
CA ALA A 193 -1.18 -22.30 10.70
C ALA A 193 0.09 -21.88 11.42
N VAL A 194 0.24 -20.58 11.69
CA VAL A 194 1.42 -20.13 12.40
C VAL A 194 1.18 -20.36 13.90
N ALA A 195 2.26 -20.38 14.67
CA ALA A 195 2.21 -20.68 16.09
C ALA A 195 1.21 -19.97 17.01
N GLN A 196 0.90 -18.71 16.76
CA GLN A 196 -0.03 -18.01 17.63
C GLN A 196 -1.50 -18.15 17.22
N ALA A 197 -1.76 -18.94 16.19
CA ALA A 197 -3.13 -19.14 15.71
C ALA A 197 -3.99 -19.82 16.77
N PRO A 198 -5.32 -19.62 16.68
CA PRO A 198 -6.21 -20.24 17.67
C PRO A 198 -6.25 -21.76 17.50
N LYS A 199 -6.57 -22.44 18.60
CA LYS A 199 -6.65 -23.89 18.62
C LYS A 199 -7.49 -24.44 17.46
N ILE A 200 -8.62 -23.80 17.19
CA ILE A 200 -9.52 -24.21 16.13
C ILE A 200 -8.83 -24.30 14.77
N LEU A 201 -7.93 -23.37 14.48
CA LEU A 201 -7.24 -23.38 13.19
C LEU A 201 -6.13 -24.43 13.17
N LYS A 202 -5.38 -24.53 14.27
CA LYS A 202 -4.30 -25.50 14.37
C LYS A 202 -4.79 -26.94 14.21
N GLU A 203 -5.92 -27.24 14.81
CA GLU A 203 -6.49 -28.59 14.76
C GLU A 203 -6.88 -29.01 13.36
N ASN A 204 -7.00 -28.04 12.46
CA ASN A 204 -7.38 -28.34 11.09
C ASN A 204 -6.25 -28.09 10.10
N ALA A 205 -5.07 -27.80 10.61
CA ALA A 205 -3.92 -27.53 9.76
C ALA A 205 -3.14 -28.81 9.48
N ASP A 206 -2.49 -28.85 8.32
CA ASP A 206 -1.67 -29.99 7.94
C ASP A 206 -0.34 -29.85 8.67
N TYR A 207 0.04 -28.60 8.93
CA TYR A 207 1.28 -28.28 9.63
C TYR A 207 1.11 -27.00 10.43
N VAL A 208 1.65 -27.01 11.65
CA VAL A 208 1.61 -25.83 12.52
C VAL A 208 3.06 -25.45 12.74
N THR A 209 3.42 -24.22 12.39
CA THR A 209 4.80 -23.78 12.54
C THR A 209 5.19 -23.65 14.01
N LYS A 210 6.50 -23.70 14.27
CA LYS A 210 7.01 -23.59 15.63
C LYS A 210 7.04 -22.13 16.04
N LYS A 211 7.32 -21.26 15.07
CA LYS A 211 7.40 -19.82 15.33
C LYS A 211 6.11 -19.06 15.04
N GLU A 212 5.98 -17.90 15.68
CA GLU A 212 4.83 -17.03 15.54
C GLU A 212 5.11 -15.88 14.57
N TYR A 213 4.04 -15.26 14.11
CA TYR A 213 4.13 -14.11 13.22
C TYR A 213 5.04 -14.31 12.02
N GLY A 214 5.75 -13.26 11.63
CA GLY A 214 6.63 -13.31 10.47
C GLY A 214 7.60 -14.47 10.37
N GLU A 215 8.24 -14.82 11.49
CA GLU A 215 9.17 -15.93 11.47
C GLU A 215 8.38 -17.20 11.14
N GLY A 216 7.15 -17.25 11.63
CA GLY A 216 6.30 -18.40 11.36
C GLY A 216 5.92 -18.44 9.89
N GLY A 217 5.62 -17.27 9.31
CA GLY A 217 5.28 -17.22 7.91
C GLY A 217 6.43 -17.75 7.06
N ALA A 218 7.65 -17.36 7.41
CA ALA A 218 8.82 -17.81 6.66
C ALA A 218 8.93 -19.34 6.78
N GLU A 219 8.80 -19.84 8.00
CA GLU A 219 8.88 -21.28 8.26
C GLU A 219 7.82 -22.03 7.46
N ALA A 220 6.63 -21.46 7.40
CA ALA A 220 5.52 -22.06 6.67
C ALA A 220 5.86 -22.17 5.19
N ILE A 221 6.35 -21.08 4.61
CA ILE A 221 6.69 -21.06 3.20
C ILE A 221 7.78 -22.08 2.87
N TYR A 222 8.83 -22.13 3.67
CA TYR A 222 9.89 -23.10 3.42
C TYR A 222 9.43 -24.54 3.60
N HIS A 223 8.53 -24.76 4.56
CA HIS A 223 8.01 -26.11 4.79
C HIS A 223 7.24 -26.56 3.55
N ILE A 224 6.48 -25.63 2.96
CA ILE A 224 5.70 -25.93 1.75
C ILE A 224 6.61 -26.17 0.56
N LEU A 225 7.59 -25.31 0.38
CA LEU A 225 8.53 -25.44 -0.73
C LEU A 225 9.26 -26.76 -0.66
N GLU A 226 9.60 -27.18 0.56
CA GLU A 226 10.32 -28.43 0.75
C GLU A 226 9.42 -29.64 0.51
N LYS A 227 8.26 -29.66 1.18
CA LYS A 227 7.33 -30.78 1.05
C LYS A 227 6.93 -31.07 -0.38
N PHE A 228 6.76 -30.04 -1.20
CA PHE A 228 6.36 -30.24 -2.57
C PHE A 228 7.47 -30.23 -3.62
N GLY A 229 8.69 -30.52 -3.14
CA GLY A 229 9.86 -30.63 -4.00
C GLY A 229 10.35 -29.44 -4.79
N TYR A 230 10.27 -28.23 -4.24
CA TYR A 230 10.75 -27.07 -4.96
C TYR A 230 12.13 -26.63 -4.49
N LEU A 231 12.51 -27.03 -3.28
CA LEU A 231 13.82 -26.67 -2.74
C LEU A 231 14.92 -27.57 -3.29
N MET B 1 20.04 26.29 9.79
CA MET B 1 19.42 25.62 10.98
C MET B 1 19.83 24.15 11.11
N LYS B 2 18.97 23.35 11.73
CA LYS B 2 19.25 21.93 11.93
C LYS B 2 18.25 21.05 11.19
N ILE B 3 18.66 19.81 10.90
CA ILE B 3 17.78 18.87 10.21
C ILE B 3 17.07 18.00 11.24
N LYS B 4 15.74 17.95 11.17
CA LYS B 4 14.96 17.20 12.13
C LYS B 4 14.14 16.06 11.52
N ALA B 5 14.11 16.00 10.20
CA ALA B 5 13.37 14.95 9.51
C ALA B 5 13.95 14.70 8.14
N ILE B 6 13.71 13.51 7.60
CA ILE B 6 14.19 13.16 6.27
C ILE B 6 13.01 12.77 5.40
N SER B 7 12.86 13.45 4.27
CA SER B 7 11.80 13.12 3.32
C SER B 7 12.53 12.30 2.26
N ILE B 8 11.88 11.26 1.75
CA ILE B 8 12.54 10.42 0.76
C ILE B 8 11.54 9.75 -0.19
N ASP B 9 11.88 9.72 -1.47
CA ASP B 9 11.01 9.10 -2.47
C ASP B 9 10.95 7.60 -2.23
N ILE B 10 9.91 6.96 -2.76
CA ILE B 10 9.79 5.52 -2.61
C ILE B 10 10.46 4.85 -3.82
N ASP B 11 9.80 4.88 -4.97
CA ASP B 11 10.35 4.26 -6.17
C ASP B 11 11.72 4.80 -6.56
N GLY B 12 12.60 3.89 -6.96
CA GLY B 12 13.96 4.25 -7.37
C GLY B 12 14.87 4.79 -6.28
N THR B 13 14.36 4.91 -5.06
CA THR B 13 15.13 5.48 -3.97
C THR B 13 15.30 4.54 -2.77
N ILE B 14 14.22 3.86 -2.40
CA ILE B 14 14.32 2.91 -1.30
C ILE B 14 13.93 1.53 -1.83
N THR B 15 13.88 1.41 -3.15
CA THR B 15 13.51 0.14 -3.79
C THR B 15 14.53 -0.31 -4.82
N TYR B 16 14.33 -1.53 -5.30
CA TYR B 16 15.15 -2.09 -6.36
C TYR B 16 14.52 -1.48 -7.60
N PRO B 17 15.15 -1.65 -8.76
CA PRO B 17 14.57 -1.07 -9.97
C PRO B 17 13.13 -1.56 -10.24
N ASN B 18 12.82 -2.79 -9.83
CA ASN B 18 11.48 -3.34 -10.04
C ASN B 18 10.43 -2.88 -9.03
N ARG B 19 10.82 -1.90 -8.21
CA ARG B 19 9.95 -1.30 -7.21
C ARG B 19 9.73 -2.02 -5.88
N MET B 20 10.36 -3.18 -5.69
CA MET B 20 10.19 -3.85 -4.41
C MET B 20 11.16 -3.23 -3.40
N ILE B 21 10.76 -3.24 -2.13
CA ILE B 21 11.58 -2.65 -1.06
C ILE B 21 12.98 -3.21 -1.02
N HIS B 22 13.96 -2.32 -0.88
CA HIS B 22 15.35 -2.75 -0.80
C HIS B 22 15.70 -2.89 0.69
N GLU B 23 16.20 -4.06 1.08
CA GLU B 23 16.53 -4.34 2.46
C GLU B 23 17.49 -3.34 3.11
N LYS B 24 18.45 -2.82 2.34
CA LYS B 24 19.39 -1.86 2.93
C LYS B 24 18.69 -0.55 3.27
N ALA B 25 17.77 -0.12 2.41
CA ALA B 25 17.02 1.11 2.65
C ALA B 25 16.06 0.87 3.82
N LEU B 26 15.45 -0.31 3.86
CA LEU B 26 14.53 -0.66 4.94
C LEU B 26 15.23 -0.55 6.28
N GLU B 27 16.43 -1.10 6.36
CA GLU B 27 17.17 -1.07 7.61
C GLU B 27 17.65 0.32 7.97
N ALA B 28 18.04 1.10 6.97
CA ALA B 28 18.51 2.46 7.21
C ALA B 28 17.37 3.30 7.75
N ILE B 29 16.17 3.09 7.20
CA ILE B 29 15.00 3.83 7.64
C ILE B 29 14.67 3.46 9.08
N ARG B 30 14.69 2.17 9.39
CA ARG B 30 14.38 1.75 10.74
C ARG B 30 15.41 2.28 11.74
N ARG B 31 16.68 2.35 11.33
CA ARG B 31 17.69 2.87 12.24
C ARG B 31 17.46 4.37 12.46
N ALA B 32 17.16 5.08 11.38
CA ALA B 32 16.89 6.52 11.47
C ALA B 32 15.74 6.81 12.43
N GLU B 33 14.66 6.06 12.29
CA GLU B 33 13.51 6.25 13.17
C GLU B 33 13.94 6.02 14.62
N SER B 34 14.73 4.99 14.85
CA SER B 34 15.18 4.67 16.20
C SER B 34 16.08 5.76 16.78
N LEU B 35 16.62 6.61 15.91
CA LEU B 35 17.48 7.69 16.36
C LEU B 35 16.66 8.97 16.58
N GLY B 36 15.35 8.84 16.43
CA GLY B 36 14.47 9.98 16.64
C GLY B 36 14.30 10.90 15.46
N ILE B 37 14.64 10.41 14.26
CA ILE B 37 14.50 11.21 13.06
C ILE B 37 13.37 10.61 12.22
N PRO B 38 12.21 11.28 12.19
CA PRO B 38 11.07 10.77 11.41
C PRO B 38 11.35 10.77 9.92
N ILE B 39 10.85 9.75 9.24
CA ILE B 39 11.00 9.61 7.81
C ILE B 39 9.65 9.91 7.15
N MET B 40 9.66 10.83 6.19
CA MET B 40 8.46 11.17 5.45
C MET B 40 8.58 10.60 4.05
N LEU B 41 7.75 9.61 3.72
CA LEU B 41 7.79 9.00 2.40
C LEU B 41 7.13 9.94 1.41
N VAL B 42 7.73 10.07 0.22
CA VAL B 42 7.19 10.95 -0.82
C VAL B 42 7.00 10.13 -2.09
N THR B 43 5.86 10.32 -2.75
CA THR B 43 5.59 9.54 -3.95
C THR B 43 4.55 10.14 -4.87
N GLY B 44 4.59 9.69 -6.12
CA GLY B 44 3.63 10.11 -7.11
C GLY B 44 2.49 9.10 -7.09
N ASN B 45 2.68 8.02 -6.33
CA ASN B 45 1.65 7.00 -6.23
C ASN B 45 0.53 7.53 -5.34
N THR B 46 -0.49 6.71 -5.14
CA THR B 46 -1.65 7.10 -4.33
C THR B 46 -1.31 7.27 -2.86
N VAL B 47 -2.21 7.95 -2.14
CA VAL B 47 -2.02 8.17 -0.72
C VAL B 47 -2.20 6.81 -0.01
N GLN B 48 -3.02 5.94 -0.59
CA GLN B 48 -3.25 4.61 -0.01
C GLN B 48 -1.97 3.79 -0.10
N PHE B 49 -1.28 3.92 -1.23
CA PHE B 49 -0.04 3.19 -1.43
C PHE B 49 0.98 3.71 -0.41
N ALA B 50 1.07 5.04 -0.31
CA ALA B 50 2.00 5.65 0.61
C ALA B 50 1.75 5.23 2.07
N GLU B 51 0.48 5.17 2.46
CA GLU B 51 0.14 4.76 3.83
C GLU B 51 0.57 3.32 4.06
N ALA B 52 0.31 2.44 3.09
CA ALA B 52 0.69 1.03 3.21
C ALA B 52 2.20 0.93 3.37
N ALA B 53 2.92 1.71 2.56
CA ALA B 53 4.38 1.70 2.62
C ALA B 53 4.86 2.13 4.00
N SER B 54 4.23 3.17 4.56
CA SER B 54 4.62 3.64 5.89
C SER B 54 4.42 2.56 6.93
N ILE B 55 3.28 1.87 6.84
CA ILE B 55 2.96 0.81 7.79
C ILE B 55 3.92 -0.36 7.70
N LEU B 56 4.18 -0.85 6.49
CA LEU B 56 5.05 -1.99 6.29
C LEU B 56 6.52 -1.69 6.59
N ILE B 57 6.99 -0.54 6.14
CA ILE B 57 8.38 -0.16 6.38
C ILE B 57 8.60 0.26 7.83
N GLY B 58 7.66 1.02 8.38
CA GLY B 58 7.77 1.48 9.74
C GLY B 58 8.16 2.95 9.86
N THR B 59 7.65 3.80 8.98
CA THR B 59 7.97 5.23 9.05
C THR B 59 6.93 5.93 9.91
N SER B 60 7.35 6.98 10.61
CA SER B 60 6.46 7.72 11.50
C SER B 60 6.09 9.12 11.04
N GLY B 61 6.76 9.61 10.00
CA GLY B 61 6.43 10.94 9.52
C GLY B 61 5.25 10.90 8.59
N PRO B 62 4.67 12.08 8.27
CA PRO B 62 3.53 12.09 7.36
C PRO B 62 4.00 11.57 6.00
N VAL B 63 3.07 11.08 5.19
CA VAL B 63 3.45 10.64 3.85
C VAL B 63 2.91 11.68 2.88
N VAL B 64 3.69 11.97 1.84
CA VAL B 64 3.31 12.94 0.82
C VAL B 64 3.07 12.11 -0.46
N ALA B 65 1.83 12.08 -0.93
CA ALA B 65 1.49 11.30 -2.11
C ALA B 65 0.90 12.15 -3.24
N GLU B 66 0.55 11.49 -4.34
CA GLU B 66 0.01 12.17 -5.52
C GLU B 66 0.89 13.37 -5.87
N ASP B 67 2.20 13.17 -5.77
CA ASP B 67 3.18 14.22 -6.07
C ASP B 67 2.94 15.51 -5.31
N GLY B 68 2.54 15.38 -4.04
CA GLY B 68 2.29 16.55 -3.21
C GLY B 68 0.85 16.96 -3.11
N GLY B 69 -0.03 16.22 -3.78
CA GLY B 69 -1.45 16.54 -3.76
C GLY B 69 -2.18 15.96 -2.56
N ALA B 70 -1.65 14.90 -2.00
CA ALA B 70 -2.29 14.25 -0.86
C ALA B 70 -1.28 14.03 0.26
N ILE B 71 -1.75 14.18 1.49
CA ILE B 71 -0.91 13.99 2.66
C ILE B 71 -1.68 13.16 3.67
N SER B 72 -1.00 12.23 4.33
CA SER B 72 -1.67 11.44 5.34
C SER B 72 -0.76 11.33 6.55
N TYR B 73 -1.32 11.50 7.73
CA TYR B 73 -0.55 11.43 8.96
C TYR B 73 -1.49 10.99 10.08
N LYS B 74 -1.10 9.94 10.79
CA LYS B 74 -1.93 9.44 11.89
C LYS B 74 -3.36 9.15 11.49
N LYS B 75 -3.49 8.53 10.32
CA LYS B 75 -4.80 8.15 9.80
C LYS B 75 -5.70 9.30 9.35
N LYS B 76 -5.12 10.48 9.19
CA LYS B 76 -5.90 11.63 8.74
C LYS B 76 -5.40 12.05 7.37
N ARG B 77 -6.28 11.95 6.38
CA ARG B 77 -5.94 12.33 5.02
C ARG B 77 -6.32 13.76 4.72
N ILE B 78 -5.44 14.46 4.02
CA ILE B 78 -5.67 15.85 3.64
C ILE B 78 -5.29 16.02 2.19
N PHE B 79 -6.23 16.48 1.37
CA PHE B 79 -5.97 16.67 -0.05
C PHE B 79 -5.82 18.17 -0.33
N LEU B 80 -4.73 18.53 -1.00
CA LEU B 80 -4.45 19.93 -1.29
C LEU B 80 -5.05 20.47 -2.59
N ALA B 81 -5.89 19.65 -3.22
CA ALA B 81 -6.55 20.05 -4.46
C ALA B 81 -7.66 19.05 -4.75
N SER B 82 -8.54 19.43 -5.68
CA SER B 82 -9.65 18.57 -6.10
C SER B 82 -9.66 18.59 -7.63
N MET B 83 -10.38 17.65 -8.23
CA MET B 83 -10.41 17.56 -9.70
C MET B 83 -11.68 18.06 -10.37
N ASP B 84 -11.50 18.68 -11.54
CA ASP B 84 -12.59 19.23 -12.35
C ASP B 84 -12.13 19.39 -13.79
N GLU B 85 -11.17 20.29 -14.02
CA GLU B 85 -10.70 20.49 -15.38
C GLU B 85 -10.06 19.23 -15.93
N GLU B 86 -9.54 18.40 -15.04
CA GLU B 86 -8.92 17.15 -15.46
C GLU B 86 -9.92 16.24 -16.19
N TRP B 87 -11.19 16.32 -15.80
CA TRP B 87 -12.22 15.51 -16.43
C TRP B 87 -12.56 16.09 -17.80
N ILE B 88 -12.47 17.41 -17.93
CA ILE B 88 -12.74 18.06 -19.20
C ILE B 88 -11.65 17.63 -20.16
N LEU B 89 -10.42 17.62 -19.65
CA LEU B 89 -9.26 17.22 -20.45
C LEU B 89 -9.36 15.77 -20.89
N TRP B 90 -9.61 14.87 -19.93
CA TRP B 90 -9.68 13.48 -20.30
C TRP B 90 -10.80 13.16 -21.26
N ASN B 91 -11.94 13.83 -21.13
CA ASN B 91 -13.04 13.53 -22.03
C ASN B 91 -12.67 13.89 -23.47
N GLU B 92 -11.87 14.94 -23.64
CA GLU B 92 -11.43 15.34 -24.97
C GLU B 92 -10.48 14.30 -25.51
N ILE B 93 -9.57 13.82 -24.66
CA ILE B 93 -8.60 12.80 -25.06
C ILE B 93 -9.30 11.51 -25.45
N ARG B 94 -10.34 11.16 -24.69
CA ARG B 94 -11.12 9.96 -24.95
C ARG B 94 -11.69 9.99 -26.36
N LYS B 95 -12.31 11.12 -26.71
CA LYS B 95 -12.93 11.26 -28.01
C LYS B 95 -11.96 11.36 -29.18
N ARG B 96 -10.81 11.97 -28.95
CA ARG B 96 -9.83 12.16 -30.01
C ARG B 96 -8.72 11.12 -30.09
N PHE B 97 -8.43 10.46 -28.98
CA PHE B 97 -7.40 9.43 -28.93
C PHE B 97 -7.94 8.23 -28.19
N PRO B 98 -8.69 7.37 -28.89
CA PRO B 98 -9.32 6.16 -28.36
C PRO B 98 -8.38 5.12 -27.74
N ASN B 99 -7.09 5.24 -27.99
CA ASN B 99 -6.13 4.29 -27.42
C ASN B 99 -5.50 4.79 -26.12
N ALA B 100 -5.68 6.07 -25.84
CA ALA B 100 -5.14 6.67 -24.61
C ALA B 100 -5.81 6.05 -23.39
N ARG B 101 -5.03 5.83 -22.34
CA ARG B 101 -5.55 5.23 -21.11
C ARG B 101 -5.04 5.94 -19.86
N THR B 102 -5.82 5.87 -18.79
CA THR B 102 -5.44 6.45 -17.52
C THR B 102 -5.08 5.31 -16.56
N SER B 103 -4.38 5.64 -15.49
CA SER B 103 -3.97 4.64 -14.50
C SER B 103 -5.16 3.93 -13.83
N TYR B 104 -4.98 2.65 -13.57
CA TYR B 104 -6.03 1.87 -12.91
C TYR B 104 -6.29 2.39 -11.49
N THR B 105 -5.38 3.22 -11.00
CA THR B 105 -5.53 3.80 -9.65
C THR B 105 -6.33 5.10 -9.61
N MET B 106 -6.89 5.53 -10.74
CA MET B 106 -7.64 6.79 -10.71
C MET B 106 -8.76 6.87 -9.66
N PRO B 107 -9.45 5.76 -9.36
CA PRO B 107 -10.53 5.82 -8.35
C PRO B 107 -10.02 6.27 -6.98
N ASP B 108 -8.74 6.03 -6.71
CA ASP B 108 -8.12 6.36 -5.43
C ASP B 108 -7.60 7.79 -5.32
N ARG B 109 -7.41 8.45 -6.46
CA ARG B 109 -6.79 9.79 -6.49
C ARG B 109 -7.80 10.96 -6.48
N ARG B 110 -7.36 12.07 -5.91
CA ARG B 110 -8.20 13.27 -5.84
C ARG B 110 -7.48 14.55 -6.23
N ALA B 111 -6.17 14.48 -6.49
CA ALA B 111 -5.42 15.68 -6.83
C ALA B 111 -4.50 15.53 -8.05
N GLY B 112 -4.94 14.76 -9.03
CA GLY B 112 -4.13 14.59 -10.22
C GLY B 112 -4.56 13.46 -11.12
N LEU B 113 -4.53 13.71 -12.43
CA LEU B 113 -4.90 12.72 -13.41
C LEU B 113 -3.62 12.00 -13.84
N VAL B 114 -3.62 10.68 -13.78
CA VAL B 114 -2.44 9.93 -14.18
C VAL B 114 -2.72 9.20 -15.49
N ILE B 115 -1.93 9.53 -16.50
CA ILE B 115 -2.08 8.96 -17.83
C ILE B 115 -0.91 8.03 -18.20
N MET B 116 -1.24 6.94 -18.86
CA MET B 116 -0.26 5.95 -19.29
C MET B 116 0.54 6.54 -20.46
N ARG B 117 1.77 6.93 -20.17
CA ARG B 117 2.65 7.54 -21.16
C ARG B 117 2.87 6.68 -22.41
N GLU B 118 2.60 5.38 -22.32
CA GLU B 118 2.80 4.48 -23.46
C GLU B 118 1.64 4.53 -24.45
N THR B 119 0.56 5.16 -24.01
CA THR B 119 -0.63 5.27 -24.85
C THR B 119 -0.84 6.63 -25.49
N ILE B 120 -0.07 7.64 -25.07
CA ILE B 120 -0.18 8.99 -25.62
C ILE B 120 0.99 9.81 -25.08
N ASN B 121 1.56 10.69 -25.88
CA ASN B 121 2.67 11.48 -25.38
C ASN B 121 2.21 12.72 -24.64
N VAL B 122 3.07 13.21 -23.77
CA VAL B 122 2.76 14.39 -22.97
C VAL B 122 2.57 15.64 -23.84
N GLU B 123 3.23 15.67 -25.00
CA GLU B 123 3.10 16.81 -25.90
C GLU B 123 1.65 16.97 -26.33
N THR B 124 1.02 15.85 -26.66
CA THR B 124 -0.37 15.85 -27.10
C THR B 124 -1.29 16.28 -25.97
N VAL B 125 -0.96 15.86 -24.76
CA VAL B 125 -1.76 16.22 -23.60
C VAL B 125 -1.71 17.74 -23.40
N ARG B 126 -0.49 18.29 -23.45
CA ARG B 126 -0.31 19.73 -23.26
C ARG B 126 -1.00 20.54 -24.34
N GLU B 127 -1.04 20.02 -25.57
CA GLU B 127 -1.70 20.73 -26.66
C GLU B 127 -3.18 20.89 -26.36
N ILE B 128 -3.81 19.82 -25.88
CA ILE B 128 -5.22 19.86 -25.55
C ILE B 128 -5.47 20.78 -24.37
N ILE B 129 -4.58 20.75 -23.38
CA ILE B 129 -4.72 21.62 -22.22
C ILE B 129 -4.73 23.06 -22.73
N ASN B 130 -3.82 23.38 -23.65
CA ASN B 130 -3.75 24.72 -24.21
C ASN B 130 -5.01 25.05 -25.02
N GLU B 131 -5.49 24.08 -25.80
CA GLU B 131 -6.70 24.27 -26.60
C GLU B 131 -7.90 24.62 -25.74
N LEU B 132 -8.36 23.64 -24.96
CA LEU B 132 -9.51 23.83 -24.09
C LEU B 132 -9.23 24.93 -23.07
N ASN B 133 -8.00 25.42 -23.06
CA ASN B 133 -7.61 26.48 -22.15
C ASN B 133 -7.84 26.07 -20.70
N LEU B 134 -7.03 25.14 -20.20
CA LEU B 134 -7.15 24.65 -18.81
C LEU B 134 -5.95 25.04 -17.95
N ASN B 135 -6.21 25.30 -16.67
CA ASN B 135 -5.15 25.68 -15.73
C ASN B 135 -4.52 24.41 -15.18
N LEU B 136 -3.84 23.68 -16.06
CA LEU B 136 -3.20 22.42 -15.69
C LEU B 136 -1.81 22.30 -16.28
N VAL B 137 -0.98 21.48 -15.64
CA VAL B 137 0.36 21.22 -16.14
C VAL B 137 0.47 19.71 -16.26
N ALA B 138 1.17 19.25 -17.29
CA ALA B 138 1.35 17.83 -17.51
C ALA B 138 2.84 17.53 -17.41
N VAL B 139 3.19 16.65 -16.47
CA VAL B 139 4.59 16.29 -16.25
C VAL B 139 4.83 14.81 -16.53
N ASP B 140 5.83 14.54 -17.34
CA ASP B 140 6.20 13.17 -17.70
C ASP B 140 7.42 12.80 -16.88
N SER B 141 7.25 11.87 -15.95
CA SER B 141 8.35 11.43 -15.09
C SER B 141 9.16 10.36 -15.79
N GLY B 142 8.74 9.98 -16.99
CA GLY B 142 9.43 8.95 -17.74
C GLY B 142 8.81 7.61 -17.43
N PHE B 143 7.89 7.59 -16.45
CA PHE B 143 7.21 6.37 -16.05
C PHE B 143 5.69 6.51 -16.20
N ALA B 144 5.20 7.73 -16.12
CA ALA B 144 3.78 8.01 -16.28
C ALA B 144 3.61 9.51 -16.40
N ILE B 145 2.46 9.94 -16.90
CA ILE B 145 2.19 11.36 -17.06
C ILE B 145 1.22 11.81 -15.98
N HIS B 146 1.60 12.86 -15.24
CA HIS B 146 0.74 13.38 -14.19
C HIS B 146 0.22 14.75 -14.61
N VAL B 147 -1.10 14.92 -14.58
CA VAL B 147 -1.74 16.18 -14.93
C VAL B 147 -2.33 16.73 -13.63
N LYS B 148 -1.93 17.94 -13.27
CA LYS B 148 -2.39 18.52 -12.01
C LYS B 148 -2.40 20.05 -12.05
N LYS B 149 -2.81 20.65 -10.94
CA LYS B 149 -2.85 22.09 -10.82
C LYS B 149 -1.40 22.57 -10.70
N PRO B 150 -1.10 23.76 -11.24
CA PRO B 150 0.23 24.37 -11.22
C PRO B 150 0.92 24.51 -9.87
N TRP B 151 0.13 24.65 -8.81
CA TRP B 151 0.68 24.83 -7.47
C TRP B 151 0.94 23.54 -6.69
N ILE B 152 0.53 22.42 -7.27
CA ILE B 152 0.71 21.13 -6.62
C ILE B 152 2.04 20.49 -7.02
N ASN B 153 2.85 20.17 -6.02
CA ASN B 153 4.14 19.54 -6.26
C ASN B 153 4.70 18.98 -4.96
N LYS B 154 5.76 18.19 -5.07
CA LYS B 154 6.36 17.59 -3.88
C LYS B 154 6.83 18.62 -2.86
N GLY B 155 7.24 19.79 -3.33
CA GLY B 155 7.69 20.83 -2.44
C GLY B 155 6.58 21.34 -1.55
N SER B 156 5.47 21.73 -2.15
CA SER B 156 4.33 22.24 -1.38
C SER B 156 3.78 21.15 -0.48
N GLY B 157 3.88 19.91 -0.93
CA GLY B 157 3.39 18.79 -0.15
C GLY B 157 4.23 18.61 1.10
N ILE B 158 5.55 18.70 0.93
CA ILE B 158 6.47 18.56 2.06
C ILE B 158 6.32 19.72 3.04
N GLU B 159 6.04 20.92 2.54
CA GLU B 159 5.86 22.06 3.42
C GLU B 159 4.66 21.81 4.34
N LYS B 160 3.59 21.28 3.75
CA LYS B 160 2.39 20.99 4.52
C LYS B 160 2.64 19.83 5.48
N ALA B 161 3.37 18.82 5.02
CA ALA B 161 3.68 17.67 5.87
C ALA B 161 4.52 18.12 7.06
N SER B 162 5.40 19.09 6.82
CA SER B 162 6.26 19.61 7.87
C SER B 162 5.44 20.27 8.97
N GLU B 163 4.31 20.88 8.59
CA GLU B 163 3.43 21.51 9.56
C GLU B 163 2.87 20.48 10.54
N PHE B 164 2.44 19.34 10.01
CA PHE B 164 1.88 18.30 10.85
C PHE B 164 2.90 17.74 11.83
N LEU B 165 4.17 17.76 11.43
CA LEU B 165 5.23 17.28 12.30
C LEU B 165 5.64 18.36 13.30
N GLY B 166 5.30 19.60 13.00
CA GLY B 166 5.65 20.69 13.89
C GLY B 166 7.07 21.18 13.67
N ILE B 167 7.56 21.08 12.44
CA ILE B 167 8.91 21.53 12.12
C ILE B 167 8.90 22.44 10.89
N LYS B 168 10.02 23.11 10.65
CA LYS B 168 10.13 23.98 9.49
C LYS B 168 10.54 23.14 8.29
N PRO B 169 10.07 23.49 7.09
CA PRO B 169 10.41 22.74 5.88
C PRO B 169 11.94 22.77 5.67
N LYS B 170 12.57 23.83 6.13
CA LYS B 170 14.02 23.97 5.99
C LYS B 170 14.78 23.07 6.96
N GLU B 171 14.03 22.39 7.84
CA GLU B 171 14.63 21.47 8.79
C GLU B 171 14.48 20.04 8.28
N VAL B 172 14.10 19.93 7.01
CA VAL B 172 13.93 18.65 6.35
C VAL B 172 15.04 18.41 5.34
N ALA B 173 15.49 17.17 5.23
CA ALA B 173 16.53 16.79 4.27
C ALA B 173 15.79 15.88 3.30
N HIS B 174 15.86 16.17 2.01
CA HIS B 174 15.18 15.36 1.02
C HIS B 174 16.10 14.50 0.16
N VAL B 175 15.68 13.25 -0.06
CA VAL B 175 16.43 12.32 -0.89
C VAL B 175 15.57 11.96 -2.10
N GLY B 176 16.06 12.28 -3.29
CA GLY B 176 15.29 12.00 -4.49
C GLY B 176 16.06 11.34 -5.63
N ASP B 177 15.34 10.92 -6.66
CA ASP B 177 15.95 10.25 -7.80
C ASP B 177 15.50 10.82 -9.14
N GLY B 178 14.53 11.73 -9.13
CA GLY B 178 14.03 12.27 -10.37
C GLY B 178 14.04 13.77 -10.53
N GLU B 179 13.65 14.22 -11.72
CA GLU B 179 13.62 15.63 -12.05
C GLU B 179 12.60 16.40 -11.20
N ASN B 180 11.43 15.81 -10.96
CA ASN B 180 10.42 16.52 -10.18
C ASN B 180 10.83 16.67 -8.72
N ASP B 181 11.95 16.07 -8.34
CA ASP B 181 12.42 16.22 -6.96
C ASP B 181 13.03 17.59 -6.80
N LEU B 182 13.17 18.32 -7.90
CA LEU B 182 13.72 19.66 -7.84
C LEU B 182 12.73 20.51 -7.05
N ASP B 183 11.44 20.18 -7.17
CA ASP B 183 10.41 20.91 -6.45
C ASP B 183 10.60 20.75 -4.94
N ALA B 184 11.01 19.55 -4.52
CA ALA B 184 11.24 19.28 -3.11
C ALA B 184 12.51 19.96 -2.65
N PHE B 185 13.54 19.90 -3.48
CA PHE B 185 14.83 20.50 -3.19
C PHE B 185 14.65 21.99 -2.86
N LYS B 186 13.74 22.63 -3.58
CA LYS B 186 13.47 24.05 -3.41
C LYS B 186 12.98 24.46 -2.03
N VAL B 187 12.21 23.60 -1.37
CA VAL B 187 11.67 23.94 -0.06
C VAL B 187 12.40 23.39 1.16
N VAL B 188 13.26 22.39 0.97
CA VAL B 188 13.97 21.80 2.10
C VAL B 188 15.33 22.42 2.44
N GLY B 189 15.90 21.98 3.56
CA GLY B 189 17.18 22.48 4.01
C GLY B 189 18.42 21.76 3.50
N TYR B 190 18.29 20.48 3.19
CA TYR B 190 19.42 19.71 2.68
C TYR B 190 18.91 18.86 1.52
N LYS B 191 19.73 18.71 0.48
CA LYS B 191 19.33 17.99 -0.71
C LYS B 191 20.27 16.85 -1.12
N VAL B 192 19.72 15.64 -1.25
CA VAL B 192 20.53 14.50 -1.67
C VAL B 192 19.90 13.80 -2.87
N ALA B 193 20.74 13.42 -3.83
CA ALA B 193 20.28 12.72 -5.02
C ALA B 193 20.98 11.38 -5.08
N VAL B 194 20.26 10.32 -5.45
CA VAL B 194 20.88 9.01 -5.57
C VAL B 194 21.61 8.97 -6.91
N ALA B 195 22.56 8.03 -7.04
CA ALA B 195 23.41 7.91 -8.22
C ALA B 195 22.79 7.90 -9.61
N GLN B 196 21.63 7.26 -9.78
CA GLN B 196 21.04 7.20 -11.12
C GLN B 196 20.16 8.41 -11.45
N ALA B 197 20.18 9.41 -10.58
CA ALA B 197 19.37 10.61 -10.79
C ALA B 197 19.90 11.43 -11.97
N PRO B 198 19.02 12.21 -12.61
CA PRO B 198 19.37 13.05 -13.76
C PRO B 198 20.40 14.11 -13.37
N LYS B 199 21.20 14.54 -14.35
CA LYS B 199 22.23 15.54 -14.11
C LYS B 199 21.66 16.78 -13.44
N ILE B 200 20.49 17.22 -13.91
CA ILE B 200 19.86 18.41 -13.37
C ILE B 200 19.60 18.32 -11.86
N LEU B 201 19.25 17.13 -11.36
CA LEU B 201 19.02 16.99 -9.93
C LEU B 201 20.35 16.96 -9.19
N LYS B 202 21.32 16.21 -9.74
CA LYS B 202 22.63 16.11 -9.12
C LYS B 202 23.30 17.48 -8.96
N GLU B 203 23.19 18.31 -10.00
CA GLU B 203 23.80 19.64 -9.97
C GLU B 203 23.24 20.48 -8.82
N ASN B 204 21.99 20.25 -8.47
CA ASN B 204 21.33 21.00 -7.42
C ASN B 204 21.40 20.36 -6.03
N ALA B 205 21.97 19.17 -5.94
CA ALA B 205 22.08 18.48 -4.67
C ALA B 205 23.31 18.86 -3.86
N ASP B 206 23.22 18.71 -2.55
CA ASP B 206 24.33 19.01 -1.66
C ASP B 206 25.24 17.79 -1.61
N TYR B 207 24.68 16.65 -1.98
CA TYR B 207 25.42 15.39 -1.98
C TYR B 207 24.78 14.40 -2.94
N VAL B 208 25.63 13.68 -3.68
CA VAL B 208 25.15 12.67 -4.61
C VAL B 208 25.77 11.37 -4.12
N THR B 209 24.94 10.39 -3.81
CA THR B 209 25.45 9.11 -3.30
C THR B 209 26.24 8.36 -4.36
N LYS B 210 27.08 7.44 -3.89
CA LYS B 210 27.89 6.64 -4.79
C LYS B 210 27.03 5.58 -5.47
N LYS B 211 26.10 5.00 -4.70
CA LYS B 211 25.22 3.96 -5.21
C LYS B 211 23.85 4.44 -5.69
N GLU B 212 23.24 3.64 -6.56
CA GLU B 212 21.92 4.00 -7.06
C GLU B 212 20.83 3.14 -6.46
N TYR B 213 19.58 3.54 -6.69
CA TYR B 213 18.43 2.82 -6.17
C TYR B 213 18.47 2.63 -4.65
N GLY B 214 17.93 1.51 -4.17
CA GLY B 214 17.88 1.23 -2.74
C GLY B 214 19.15 1.42 -1.93
N GLU B 215 20.27 0.94 -2.44
CA GLU B 215 21.54 1.08 -1.72
C GLU B 215 21.86 2.57 -1.61
N GLY B 216 21.48 3.31 -2.65
CA GLY B 216 21.71 4.74 -2.66
C GLY B 216 20.86 5.43 -1.60
N GLY B 217 19.60 5.01 -1.49
CA GLY B 217 18.74 5.61 -0.48
C GLY B 217 19.30 5.38 0.91
N ALA B 218 19.82 4.18 1.16
CA ALA B 218 20.40 3.86 2.46
C ALA B 218 21.63 4.74 2.69
N GLU B 219 22.46 4.87 1.66
CA GLU B 219 23.66 5.69 1.76
C GLU B 219 23.31 7.13 2.06
N ALA B 220 22.25 7.62 1.40
CA ALA B 220 21.78 9.00 1.59
C ALA B 220 21.35 9.25 3.02
N ILE B 221 20.62 8.29 3.59
CA ILE B 221 20.15 8.42 4.96
C ILE B 221 21.34 8.45 5.92
N TYR B 222 22.31 7.57 5.71
CA TYR B 222 23.48 7.54 6.57
C TYR B 222 24.27 8.84 6.46
N HIS B 223 24.38 9.35 5.25
CA HIS B 223 25.10 10.60 5.01
C HIS B 223 24.46 11.73 5.83
N ILE B 224 23.13 11.81 5.77
CA ILE B 224 22.39 12.84 6.49
C ILE B 224 22.53 12.70 8.01
N LEU B 225 22.36 11.48 8.51
CA LEU B 225 22.48 11.23 9.95
C LEU B 225 23.87 11.58 10.47
N GLU B 226 24.89 11.23 9.69
CA GLU B 226 26.25 11.50 10.08
C GLU B 226 26.62 12.98 10.00
N LYS B 227 26.22 13.63 8.92
CA LYS B 227 26.54 15.05 8.73
C LYS B 227 25.89 15.95 9.76
N PHE B 228 24.71 15.59 10.23
CA PHE B 228 24.00 16.41 11.19
C PHE B 228 24.04 15.89 12.62
N GLY B 229 25.10 15.16 12.93
CA GLY B 229 25.34 14.64 14.27
C GLY B 229 24.39 13.68 14.94
N TYR B 230 23.62 12.90 14.16
CA TYR B 230 22.70 11.95 14.76
C TYR B 230 23.35 10.58 14.89
N LEU B 231 24.41 10.36 14.11
CA LEU B 231 25.14 9.10 14.14
C LEU B 231 26.63 9.40 14.01
C ACT C . -8.71 -0.28 9.23
O ACT C . -8.83 0.79 9.89
OXT ACT C . -8.32 -0.45 7.74
CH3 ACT C . -8.99 -1.56 9.99
#